data_5KYM
#
_entry.id   5KYM
#
_cell.length_a   173.836
_cell.length_b   173.836
_cell.length_c   173.836
_cell.angle_alpha   90.00
_cell.angle_beta   90.00
_cell.angle_gamma   90.00
#
_symmetry.space_group_name_H-M   'I 2 3'
#
loop_
_entity.id
_entity.type
_entity.pdbx_description
1 polymer '1-acyl-sn-glycerol-3-phosphate acyltransferase'
2 non-polymer '1-HEPTADECANOYL-2-TRIDECANOYL-3-GLYCEROL-PHOSPHONYL CHOLINE'
3 non-polymer nonane
4 non-polymer DODECYL-BETA-D-MALTOSIDE
5 water water
#
_entity_poly.entity_id   1
_entity_poly.type   'polypeptide(L)'
_entity_poly.pdbx_seq_one_letter_code
;MRKIRNLLLTLYFYFIATVYIVFYGGFVLFRSFLMRDREKARKYVLKEIEKFGKRAFTWLFSDVVVEGSENIPKDRNFIV
VANHQSLMDIPLILGFVATGAFIAKEELRKIPGVNWYIRYLNGVFLDRKNPRRAVRALREAIEKLKNGVTFIVFPEGTRS
PDGKVLSFKKDSLMIAVKTGVPVLPVSIWGTYHLIPKGRWTFTPGKVFLKIHEPVDPKGFSSEEELRKYVEEVVKRGVEE
LKARWSK
;
_entity_poly.pdbx_strand_id   A,B
#
loop_
_chem_comp.id
_chem_comp.type
_chem_comp.name
_chem_comp.formula
DD9 non-polymer nonane 'C9 H20'
HGX non-polymer '1-HEPTADECANOYL-2-TRIDECANOYL-3-GLYCEROL-PHOSPHONYL CHOLINE' 'C38 H77 N O8 P 1'
LMT D-saccharide DODECYL-BETA-D-MALTOSIDE 'C24 H46 O11'
#
# COMPACT_ATOMS: atom_id res chain seq x y z
N MET A 1 -6.65 -12.59 -6.04
CA MET A 1 -6.75 -12.74 -4.52
C MET A 1 -5.44 -13.15 -3.83
N ARG A 2 -4.66 -14.03 -4.45
CA ARG A 2 -3.27 -14.22 -4.04
C ARG A 2 -2.61 -12.84 -4.12
N LYS A 3 -2.94 -12.03 -5.13
CA LYS A 3 -2.51 -10.62 -5.18
C LYS A 3 -2.98 -9.76 -3.95
N ILE A 4 -4.23 -9.97 -3.52
CA ILE A 4 -4.77 -9.22 -2.33
C ILE A 4 -3.97 -9.50 -1.05
N ARG A 5 -3.72 -10.79 -0.85
CA ARG A 5 -3.04 -11.29 0.30
C ARG A 5 -1.65 -10.67 0.37
N ASN A 6 -0.91 -10.76 -0.71
CA ASN A 6 0.46 -10.24 -0.77
C ASN A 6 0.50 -8.76 -0.55
N LEU A 7 -0.44 -8.02 -1.15
CA LEU A 7 -0.47 -6.56 -0.98
C LEU A 7 -0.76 -6.18 0.51
N LEU A 8 -1.83 -6.70 1.07
CA LEU A 8 -2.07 -6.59 2.50
C LEU A 8 -0.88 -6.98 3.36
N LEU A 9 -0.23 -8.09 3.03
CA LEU A 9 1.00 -8.42 3.75
C LEU A 9 2.03 -7.31 3.60
N THR A 10 2.22 -6.85 2.39
CA THR A 10 3.11 -5.75 2.16
C THR A 10 2.78 -4.52 3.02
N LEU A 11 1.50 -4.19 3.15
CA LEU A 11 1.09 -3.02 3.93
C LEU A 11 1.36 -3.22 5.41
N TYR A 12 0.94 -4.36 5.90
CA TYR A 12 1.23 -4.81 7.26
C TYR A 12 2.73 -4.75 7.53
N PHE A 13 3.57 -5.21 6.58
CA PHE A 13 4.99 -5.11 6.84
C PHE A 13 5.47 -3.66 6.98
N TYR A 14 5.14 -2.79 6.02
CA TYR A 14 5.69 -1.44 6.04
C TYR A 14 5.18 -0.69 7.25
N PHE A 15 3.92 -0.89 7.60
CA PHE A 15 3.37 -0.17 8.71
C PHE A 15 4.13 -0.53 10.00
N ILE A 16 4.12 -1.82 10.34
CA ILE A 16 4.79 -2.29 11.51
C ILE A 16 6.27 -1.97 11.49
N ALA A 17 6.93 -2.28 10.40
CA ALA A 17 8.35 -1.97 10.24
C ALA A 17 8.69 -0.50 10.47
N THR A 18 7.81 0.40 10.05
CA THR A 18 8.09 1.82 10.17
C THR A 18 7.85 2.30 11.59
N VAL A 19 6.69 1.98 12.12
CA VAL A 19 6.44 2.27 13.51
C VAL A 19 7.50 1.64 14.42
N TYR A 20 7.95 0.44 14.09
CA TYR A 20 8.89 -0.24 14.95
C TYR A 20 10.25 0.47 14.89
N ILE A 21 10.76 0.70 13.66
CA ILE A 21 12.08 1.33 13.53
C ILE A 21 12.09 2.75 14.08
N VAL A 22 11.05 3.53 13.86
CA VAL A 22 11.07 4.96 14.22
C VAL A 22 10.73 5.15 15.69
N PHE A 23 9.56 4.72 16.12
CA PHE A 23 9.10 5.02 17.48
C PHE A 23 9.72 4.08 18.52
N TYR A 24 9.64 2.78 18.33
CA TYR A 24 10.29 1.87 19.28
C TYR A 24 11.82 2.08 19.19
N GLY A 25 12.34 2.23 17.98
CA GLY A 25 13.81 2.41 17.85
C GLY A 25 14.30 3.74 18.38
N GLY A 26 13.44 4.76 18.35
CA GLY A 26 13.77 6.01 18.97
C GLY A 26 13.88 5.78 20.45
N PHE A 27 12.88 5.12 20.97
CA PHE A 27 12.81 4.80 22.36
C PHE A 27 14.03 4.03 22.78
N VAL A 28 14.53 3.15 21.93
CA VAL A 28 15.64 2.28 22.35
C VAL A 28 16.90 3.10 22.56
N LEU A 29 17.23 3.93 21.58
CA LEU A 29 18.40 4.79 21.67
C LEU A 29 18.20 5.76 22.84
N PHE A 30 16.97 6.29 22.96
CA PHE A 30 16.69 7.19 24.05
C PHE A 30 16.96 6.53 25.40
N ARG A 31 16.47 5.31 25.63
CA ARG A 31 16.86 4.62 26.86
C ARG A 31 18.39 4.38 26.96
N SER A 32 19.03 4.00 25.87
CA SER A 32 20.45 3.66 25.91
C SER A 32 21.27 4.86 26.30
N PHE A 33 20.78 6.06 25.89
CA PHE A 33 21.47 7.31 26.20
C PHE A 33 21.49 7.55 27.70
N LEU A 34 20.35 7.41 28.33
CA LEU A 34 20.21 7.47 29.80
C LEU A 34 21.00 6.45 30.63
N MET A 35 21.50 5.39 30.03
CA MET A 35 22.22 4.38 30.81
C MET A 35 23.60 4.81 31.28
N ARG A 36 23.82 4.72 32.59
CA ARG A 36 25.11 5.07 33.15
C ARG A 36 26.19 4.16 32.55
N ASP A 37 25.97 2.85 32.66
CA ASP A 37 26.96 1.85 32.25
C ASP A 37 27.00 1.70 30.72
N ARG A 38 28.00 2.31 30.09
CA ARG A 38 28.07 2.40 28.64
C ARG A 38 28.27 1.04 27.93
N GLU A 39 28.89 0.08 28.59
CA GLU A 39 29.16 -1.20 27.97
C GLU A 39 27.88 -1.95 27.78
N LYS A 40 27.07 -2.02 28.82
CA LYS A 40 25.80 -2.69 28.66
C LYS A 40 24.78 -1.89 27.86
N ALA A 41 24.92 -0.56 27.82
CA ALA A 41 24.10 0.21 26.87
C ALA A 41 24.34 -0.28 25.47
N ARG A 42 25.59 -0.56 25.15
CA ARG A 42 25.93 -1.05 23.82
C ARG A 42 25.28 -2.39 23.60
N LYS A 43 25.32 -3.26 24.62
CA LYS A 43 24.79 -4.60 24.51
C LYS A 43 23.27 -4.50 24.24
N TYR A 44 22.59 -3.60 24.95
CA TYR A 44 21.15 -3.43 24.83
C TYR A 44 20.79 -3.00 23.43
N VAL A 45 21.43 -1.96 22.91
CA VAL A 45 21.07 -1.47 21.58
C VAL A 45 21.35 -2.56 20.55
N LEU A 46 22.52 -3.18 20.67
CA LEU A 46 22.89 -4.24 19.75
C LEU A 46 21.91 -5.40 19.76
N LYS A 47 21.39 -5.75 20.92
CA LYS A 47 20.52 -6.89 21.05
C LYS A 47 19.22 -6.55 20.41
N GLU A 48 18.75 -5.31 20.60
CA GLU A 48 17.48 -4.84 20.00
C GLU A 48 17.45 -4.86 18.48
N ILE A 49 18.60 -4.57 17.87
CA ILE A 49 18.85 -4.63 16.44
C ILE A 49 18.75 -6.04 15.97
N GLU A 50 19.46 -6.93 16.64
CA GLU A 50 19.42 -8.35 16.33
C GLU A 50 17.92 -8.80 16.39
N LYS A 51 17.19 -8.39 17.44
CA LYS A 51 15.80 -8.78 17.57
C LYS A 51 15.00 -8.26 16.40
N PHE A 52 15.32 -7.08 15.92
CA PHE A 52 14.65 -6.53 14.73
C PHE A 52 14.89 -7.41 13.50
N GLY A 53 16.16 -7.74 13.29
CA GLY A 53 16.51 -8.63 12.18
C GLY A 53 15.58 -9.84 12.13
N LYS A 54 15.43 -10.48 13.26
CA LYS A 54 14.65 -11.67 13.40
C LYS A 54 13.21 -11.40 13.23
N ARG A 55 12.70 -10.46 14.02
CA ARG A 55 11.29 -10.13 14.03
C ARG A 55 10.82 -9.78 12.61
N ALA A 56 11.67 -9.11 11.84
CA ALA A 56 11.33 -8.75 10.48
C ALA A 56 10.73 -9.90 9.69
N PHE A 57 11.39 -11.04 9.81
CA PHE A 57 10.95 -12.17 9.03
C PHE A 57 9.64 -12.70 9.59
N THR A 58 9.38 -12.51 10.88
CA THR A 58 8.07 -12.96 11.42
C THR A 58 6.96 -12.08 10.90
N TRP A 59 7.18 -10.78 10.82
CA TRP A 59 6.20 -9.94 10.17
C TRP A 59 5.82 -10.37 8.72
N LEU A 60 6.73 -11.07 8.06
CA LEU A 60 6.50 -11.65 6.72
C LEU A 60 6.03 -13.11 6.72
N PHE A 61 5.80 -13.68 7.91
CA PHE A 61 5.40 -15.10 7.99
C PHE A 61 6.34 -15.97 7.14
N SER A 62 7.65 -15.72 7.29
CA SER A 62 8.70 -16.37 6.52
C SER A 62 9.69 -17.00 7.48
N ASP A 63 9.95 -18.33 7.36
CA ASP A 63 10.75 -19.01 8.42
C ASP A 63 12.22 -19.01 8.10
N VAL A 64 13.05 -18.50 8.98
CA VAL A 64 14.48 -18.45 8.72
C VAL A 64 15.09 -19.78 9.21
N VAL A 65 16.14 -20.27 8.58
CA VAL A 65 16.82 -21.49 9.07
C VAL A 65 18.29 -21.31 8.84
N VAL A 66 19.06 -21.47 9.91
CA VAL A 66 20.48 -21.09 9.97
C VAL A 66 21.33 -22.31 10.21
N GLU A 67 22.34 -22.51 9.41
CA GLU A 67 23.33 -23.48 9.82
C GLU A 67 24.69 -22.85 9.82
N GLY A 68 25.52 -23.36 10.70
CA GLY A 68 26.90 -22.90 10.89
C GLY A 68 27.03 -21.71 11.80
N SER A 69 26.08 -21.52 12.71
CA SER A 69 26.20 -20.53 13.78
C SER A 69 27.49 -20.69 14.56
N GLU A 70 27.84 -21.93 14.81
CA GLU A 70 29.14 -22.27 15.45
C GLU A 70 30.39 -21.67 14.78
N ASN A 71 30.35 -21.31 13.52
CA ASN A 71 31.49 -20.73 12.80
C ASN A 71 31.67 -19.24 13.05
N ILE A 72 30.67 -18.58 13.60
CA ILE A 72 30.76 -17.13 13.74
C ILE A 72 31.81 -16.79 14.81
N PRO A 73 32.89 -16.06 14.48
CA PRO A 73 33.91 -15.81 15.52
C PRO A 73 33.36 -15.10 16.69
N LYS A 74 33.99 -15.36 17.84
CA LYS A 74 33.64 -14.72 19.10
C LYS A 74 34.93 -14.07 19.65
N ASP A 75 34.73 -13.00 20.44
CA ASP A 75 35.84 -12.18 20.96
C ASP A 75 36.56 -11.28 19.91
N ARG A 76 36.08 -11.23 18.67
CA ARG A 76 36.87 -10.68 17.53
C ARG A 76 35.92 -10.13 16.46
N ASN A 77 36.30 -9.12 15.72
CA ASN A 77 35.45 -8.70 14.61
C ASN A 77 35.77 -9.54 13.35
N PHE A 78 34.99 -9.34 12.28
CA PHE A 78 35.17 -10.10 11.04
C PHE A 78 34.49 -9.35 9.89
N ILE A 79 34.67 -9.86 8.66
CA ILE A 79 34.00 -9.30 7.51
C ILE A 79 33.08 -10.34 6.94
N VAL A 80 31.75 -10.14 7.05
CA VAL A 80 30.75 -11.09 6.51
C VAL A 80 30.77 -10.86 5.03
N VAL A 81 30.95 -11.91 4.29
CA VAL A 81 30.92 -11.83 2.88
C VAL A 81 29.81 -12.74 2.39
N ALA A 82 28.81 -12.13 1.77
CA ALA A 82 27.59 -12.83 1.41
C ALA A 82 27.21 -12.54 -0.02
N ASN A 83 26.53 -13.49 -0.67
CA ASN A 83 25.74 -13.21 -1.90
C ASN A 83 24.54 -12.28 -1.55
N HIS A 84 24.08 -11.57 -2.55
CA HIS A 84 23.09 -10.49 -2.36
C HIS A 84 21.93 -10.64 -3.33
N GLN A 85 20.73 -10.77 -2.80
CA GLN A 85 19.60 -11.06 -3.68
C GLN A 85 18.27 -10.48 -3.17
N SER A 86 18.33 -9.54 -2.23
CA SER A 86 17.14 -8.90 -1.70
C SER A 86 17.47 -7.73 -0.78
N LEU A 87 16.58 -6.78 -0.64
CA LEU A 87 16.76 -5.81 0.49
C LEU A 87 16.80 -6.52 1.82
N MET A 88 16.05 -7.59 1.97
CA MET A 88 15.96 -8.27 3.22
C MET A 88 17.28 -8.92 3.66
N ASP A 89 18.27 -9.00 2.77
CA ASP A 89 19.55 -9.57 3.18
C ASP A 89 20.18 -8.87 4.41
N ILE A 90 20.08 -7.57 4.49
CA ILE A 90 20.59 -6.83 5.62
C ILE A 90 19.89 -7.23 6.95
N PRO A 91 18.54 -7.15 7.01
CA PRO A 91 17.93 -7.60 8.26
C PRO A 91 18.27 -9.07 8.59
N LEU A 92 18.33 -9.90 7.55
CA LEU A 92 18.71 -11.29 7.71
C LEU A 92 20.10 -11.41 8.33
N ILE A 93 21.15 -10.82 7.73
CA ILE A 93 22.51 -10.95 8.32
C ILE A 93 22.48 -10.37 9.78
N LEU A 94 21.79 -9.23 9.98
CA LEU A 94 21.75 -8.53 11.29
C LEU A 94 21.17 -9.44 12.37
N GLY A 95 20.08 -10.09 12.04
CA GLY A 95 19.36 -10.91 13.00
C GLY A 95 19.90 -12.29 13.24
N PHE A 96 20.72 -12.81 12.33
CA PHE A 96 21.12 -14.19 12.40
C PHE A 96 22.60 -14.46 12.23
N VAL A 97 23.42 -13.43 12.06
CA VAL A 97 24.87 -13.63 11.90
C VAL A 97 25.66 -12.60 12.70
N ALA A 98 25.35 -11.31 12.51
CA ALA A 98 26.18 -10.25 13.03
C ALA A 98 25.55 -8.87 12.95
N THR A 99 25.67 -8.07 14.00
CA THR A 99 25.19 -6.73 13.96
C THR A 99 26.31 -5.79 13.72
N GLY A 100 26.78 -5.83 12.47
CA GLY A 100 27.88 -4.99 11.98
C GLY A 100 27.53 -3.84 11.05
N ALA A 101 28.57 -3.07 10.80
CA ALA A 101 28.59 -2.03 9.77
C ALA A 101 28.28 -2.54 8.37
N PHE A 102 27.71 -1.68 7.56
CA PHE A 102 27.52 -1.98 6.17
C PHE A 102 27.68 -0.70 5.35
N ILE A 103 27.64 -0.83 4.02
CA ILE A 103 27.82 0.29 3.07
C ILE A 103 26.45 0.74 2.56
N ALA A 104 26.02 1.96 2.86
CA ALA A 104 24.67 2.39 2.44
C ALA A 104 24.72 3.39 1.27
N LYS A 105 23.68 3.39 0.44
CA LYS A 105 23.47 4.41 -0.61
C LYS A 105 23.51 5.75 0.09
N GLU A 106 24.13 6.80 -0.47
CA GLU A 106 24.03 8.15 0.17
C GLU A 106 22.59 8.50 0.59
N GLU A 107 21.61 8.16 -0.25
CA GLU A 107 20.16 8.39 -0.03
C GLU A 107 19.77 8.20 1.42
N LEU A 108 20.26 7.11 2.01
CA LEU A 108 19.71 6.53 3.25
C LEU A 108 19.83 7.39 4.49
N ARG A 109 20.86 8.25 4.56
CA ARG A 109 21.01 9.26 5.61
C ARG A 109 19.72 10.04 5.90
N LYS A 110 18.96 10.30 4.84
CA LYS A 110 17.75 11.12 4.90
C LYS A 110 16.55 10.35 5.47
N ILE A 111 16.48 9.02 5.27
CA ILE A 111 15.35 8.23 5.83
C ILE A 111 15.46 8.12 7.38
N PRO A 112 14.50 8.69 8.09
CA PRO A 112 14.54 8.64 9.55
C PRO A 112 14.41 7.22 10.11
N GLY A 113 14.94 7.02 11.32
CA GLY A 113 15.01 5.71 11.95
C GLY A 113 16.19 4.97 11.38
N VAL A 114 16.11 4.59 10.09
CA VAL A 114 17.19 3.84 9.43
C VAL A 114 18.56 4.51 9.57
N ASN A 115 18.63 5.82 9.34
CA ASN A 115 19.90 6.53 9.44
C ASN A 115 20.52 6.43 10.85
N TRP A 116 19.69 6.53 11.87
CA TRP A 116 20.19 6.42 13.26
C TRP A 116 20.77 5.05 13.43
N TYR A 117 20.10 4.04 12.94
CA TYR A 117 20.62 2.72 13.15
C TYR A 117 21.82 2.38 12.25
N ILE A 118 21.85 2.89 11.02
CA ILE A 118 23.05 2.74 10.17
C ILE A 118 24.25 3.35 10.82
N ARG A 119 24.08 4.56 11.34
CA ARG A 119 25.12 5.24 12.10
C ARG A 119 25.51 4.46 13.34
N TYR A 120 24.54 3.97 14.13
CA TYR A 120 24.89 3.24 15.35
C TYR A 120 25.76 2.03 15.02
N LEU A 121 25.44 1.32 13.94
CA LEU A 121 26.24 0.17 13.51
C LEU A 121 27.57 0.51 12.88
N ASN A 122 27.94 1.80 12.96
CA ASN A 122 29.14 2.36 12.34
C ASN A 122 29.21 2.15 10.85
N GLY A 123 28.07 2.11 10.16
CA GLY A 123 28.06 2.00 8.68
C GLY A 123 28.80 3.10 7.92
N VAL A 124 28.72 3.08 6.60
CA VAL A 124 29.63 3.83 5.71
C VAL A 124 28.79 4.11 4.50
N PHE A 125 28.48 5.40 4.32
CA PHE A 125 27.68 5.84 3.21
C PHE A 125 28.59 6.09 1.96
N LEU A 126 27.95 5.90 0.78
CA LEU A 126 28.43 6.29 -0.52
C LEU A 126 27.61 7.47 -1.08
N ARG A 133 36.64 10.88 -3.08
CA ARG A 133 36.35 11.46 -4.40
C ARG A 133 35.05 10.88 -5.08
N ALA A 134 35.11 9.60 -5.47
CA ALA A 134 33.94 8.76 -5.84
C ALA A 134 33.76 7.47 -4.92
N VAL A 135 34.85 6.98 -4.25
CA VAL A 135 34.88 5.93 -3.17
C VAL A 135 35.97 6.15 -2.05
N ARG A 136 35.81 7.23 -1.28
CA ARG A 136 36.62 7.42 -0.06
C ARG A 136 36.23 6.43 1.03
N ALA A 137 34.99 5.91 0.98
CA ALA A 137 34.50 4.80 1.81
C ALA A 137 35.58 3.84 2.30
N LEU A 138 36.25 3.21 1.32
CA LEU A 138 37.25 2.16 1.56
C LEU A 138 38.19 2.48 2.70
N ARG A 139 38.63 3.73 2.83
CA ARG A 139 39.50 4.16 3.93
C ARG A 139 38.83 4.08 5.30
N GLU A 140 37.55 4.48 5.41
CA GLU A 140 36.83 4.41 6.72
C GLU A 140 36.57 2.97 7.16
N ALA A 141 36.12 2.16 6.19
CA ALA A 141 35.93 0.73 6.39
C ALA A 141 37.22 0.12 6.93
N ILE A 142 38.33 0.34 6.23
CA ILE A 142 39.65 -0.14 6.66
C ILE A 142 39.96 0.34 8.08
N GLU A 143 39.68 1.64 8.29
CA GLU A 143 39.98 2.29 9.57
C GLU A 143 39.10 1.74 10.69
N LYS A 144 37.78 1.77 10.48
CA LYS A 144 36.84 1.06 11.35
C LYS A 144 37.20 -0.39 11.65
N LEU A 145 37.59 -1.14 10.63
CA LEU A 145 38.03 -2.52 10.83
C LEU A 145 39.17 -2.62 11.81
N LYS A 146 40.17 -1.75 11.64
CA LYS A 146 41.33 -1.70 12.55
C LYS A 146 40.94 -1.37 13.99
N ASN A 147 39.97 -0.51 14.17
CA ASN A 147 39.50 -0.26 15.55
C ASN A 147 38.63 -1.37 16.11
N GLY A 148 38.08 -2.24 15.27
CA GLY A 148 37.33 -3.41 15.75
C GLY A 148 35.88 -3.58 15.35
N VAL A 149 35.42 -2.86 14.35
CA VAL A 149 34.04 -3.00 13.87
C VAL A 149 33.88 -4.20 12.92
N THR A 150 32.81 -4.98 13.13
CA THR A 150 32.44 -6.04 12.17
C THR A 150 31.82 -5.40 10.94
N PHE A 151 32.17 -5.88 9.77
CA PHE A 151 31.55 -5.41 8.54
C PHE A 151 30.77 -6.50 7.85
N ILE A 152 29.86 -6.08 6.98
CA ILE A 152 29.02 -6.97 6.18
C ILE A 152 29.10 -6.42 4.81
N VAL A 153 29.55 -7.24 3.89
CA VAL A 153 30.03 -6.78 2.59
C VAL A 153 29.40 -7.67 1.48
N PHE A 154 28.91 -7.07 0.40
CA PHE A 154 28.28 -7.80 -0.69
C PHE A 154 29.13 -7.66 -1.93
N PRO A 155 30.20 -8.45 -2.05
CA PRO A 155 31.17 -8.23 -3.09
C PRO A 155 30.62 -8.14 -4.54
N GLU A 156 29.42 -8.72 -4.81
CA GLU A 156 28.82 -8.64 -6.15
C GLU A 156 28.53 -7.16 -6.51
N GLY A 157 28.35 -6.34 -5.49
CA GLY A 157 28.17 -4.91 -5.64
C GLY A 157 26.76 -4.45 -6.03
N THR A 158 25.81 -5.37 -6.01
CA THR A 158 24.46 -5.15 -6.48
C THR A 158 23.70 -6.42 -6.16
N ARG A 159 22.38 -6.33 -6.09
CA ARG A 159 21.54 -7.53 -5.96
C ARG A 159 21.47 -8.19 -7.30
N SER A 160 21.57 -9.51 -7.27
CA SER A 160 21.26 -10.34 -8.41
C SER A 160 19.82 -10.05 -8.78
N PRO A 161 19.54 -9.95 -10.07
CA PRO A 161 18.19 -9.77 -10.51
C PRO A 161 17.36 -11.07 -10.55
N ASP A 162 17.98 -12.25 -10.67
CA ASP A 162 17.27 -13.54 -10.86
C ASP A 162 17.57 -14.61 -9.84
N GLY A 163 18.38 -14.28 -8.81
CA GLY A 163 18.84 -15.25 -7.78
C GLY A 163 20.24 -15.84 -7.97
N LYS A 164 20.73 -15.78 -9.23
CA LYS A 164 21.97 -16.36 -9.65
C LYS A 164 23.04 -15.51 -9.17
N VAL A 165 24.16 -16.10 -8.76
CA VAL A 165 25.23 -15.32 -8.12
C VAL A 165 26.08 -14.69 -9.21
N LEU A 166 26.28 -13.39 -9.12
CA LEU A 166 27.09 -12.70 -10.08
C LEU A 166 28.56 -12.84 -9.69
N SER A 167 29.44 -12.40 -10.58
CA SER A 167 30.89 -12.40 -10.30
C SER A 167 31.23 -11.45 -9.18
N PHE A 168 32.18 -11.78 -8.33
CA PHE A 168 32.61 -10.84 -7.29
C PHE A 168 33.41 -9.76 -8.01
N LYS A 169 33.02 -8.49 -7.89
CA LYS A 169 33.73 -7.39 -8.54
C LYS A 169 35.23 -7.46 -8.14
N LYS A 170 36.11 -7.09 -9.06
CA LYS A 170 37.57 -7.04 -8.83
C LYS A 170 37.85 -6.04 -7.70
N ASP A 171 38.82 -6.38 -6.88
CA ASP A 171 39.19 -5.63 -5.66
C ASP A 171 38.11 -5.60 -4.58
N SER A 172 37.11 -6.49 -4.64
CA SER A 172 36.00 -6.46 -3.69
C SER A 172 36.46 -6.90 -2.29
N LEU A 173 37.31 -7.94 -2.24
CA LEU A 173 37.94 -8.35 -0.97
C LEU A 173 39.15 -7.56 -0.48
N MET A 174 39.52 -6.51 -1.16
CA MET A 174 40.59 -5.68 -0.66
C MET A 174 40.40 -5.27 0.80
N ILE A 175 39.18 -5.10 1.34
CA ILE A 175 39.16 -4.66 2.75
C ILE A 175 39.69 -5.70 3.71
N ALA A 176 39.60 -6.97 3.33
CA ALA A 176 40.19 -8.06 4.13
C ALA A 176 41.72 -8.13 4.00
N VAL A 177 42.19 -8.13 2.74
CA VAL A 177 43.62 -8.11 2.45
C VAL A 177 44.37 -7.06 3.18
N LYS A 178 43.87 -5.85 3.18
CA LYS A 178 44.57 -4.66 3.80
C LYS A 178 44.38 -4.49 5.29
N THR A 179 43.52 -5.29 5.92
CA THR A 179 43.31 -5.23 7.37
C THR A 179 43.70 -6.49 8.08
N GLY A 180 43.82 -7.59 7.35
CA GLY A 180 44.00 -8.89 7.97
C GLY A 180 42.90 -9.42 8.87
N VAL A 181 41.70 -8.83 8.85
CA VAL A 181 40.58 -9.41 9.66
C VAL A 181 39.96 -10.62 8.90
N PRO A 182 39.46 -11.60 9.63
CA PRO A 182 38.90 -12.78 9.00
C PRO A 182 37.58 -12.54 8.29
N VAL A 183 37.48 -13.14 7.10
CA VAL A 183 36.27 -13.17 6.28
C VAL A 183 35.40 -14.32 6.76
N LEU A 184 34.11 -14.09 6.87
CA LEU A 184 33.16 -15.14 7.31
C LEU A 184 32.21 -15.31 6.14
N PRO A 185 32.44 -16.32 5.28
CA PRO A 185 31.60 -16.47 4.11
C PRO A 185 30.20 -16.92 4.46
N VAL A 186 29.17 -16.34 3.83
CA VAL A 186 27.78 -16.66 4.13
C VAL A 186 27.02 -16.86 2.86
N SER A 187 26.12 -17.83 2.77
CA SER A 187 25.32 -18.01 1.59
C SER A 187 23.87 -17.85 1.99
N ILE A 188 23.13 -17.06 1.22
CA ILE A 188 21.74 -16.70 1.49
C ILE A 188 20.90 -17.28 0.37
N TRP A 189 19.86 -18.05 0.72
CA TRP A 189 18.90 -18.44 -0.28
C TRP A 189 17.49 -18.31 0.15
N GLY A 190 16.65 -17.68 -0.66
CA GLY A 190 15.23 -17.44 -0.39
C GLY A 190 14.75 -16.00 -0.14
N THR A 191 15.63 -15.08 0.20
CA THR A 191 15.24 -13.75 0.36
C THR A 191 14.86 -13.19 -1.00
N TYR A 192 15.45 -13.73 -2.06
CA TYR A 192 15.04 -13.34 -3.43
C TYR A 192 13.56 -13.66 -3.78
N HIS A 193 13.04 -14.80 -3.32
CA HIS A 193 11.63 -15.12 -3.53
C HIS A 193 10.75 -14.28 -2.63
N LEU A 194 11.30 -13.75 -1.56
CA LEU A 194 10.60 -12.94 -0.57
C LEU A 194 10.34 -11.53 -1.09
N ILE A 195 11.41 -10.86 -1.51
CA ILE A 195 11.31 -9.57 -2.24
C ILE A 195 12.51 -9.28 -3.18
N PRO A 196 12.33 -9.56 -4.49
CA PRO A 196 13.37 -9.50 -5.52
C PRO A 196 13.67 -8.12 -5.97
N LYS A 197 14.86 -7.93 -6.55
CA LYS A 197 15.26 -6.60 -7.11
C LYS A 197 14.13 -6.03 -7.94
N GLY A 198 13.81 -4.77 -7.70
CA GLY A 198 12.77 -4.10 -8.47
C GLY A 198 11.31 -4.29 -8.10
N ARG A 199 10.95 -5.36 -7.40
CA ARG A 199 9.63 -5.45 -6.75
C ARG A 199 9.59 -4.80 -5.37
N TRP A 200 8.44 -4.17 -5.08
CA TRP A 200 8.17 -3.40 -3.86
C TRP A 200 7.25 -4.13 -2.91
N THR A 201 6.59 -5.21 -3.39
CA THR A 201 5.76 -6.12 -2.58
C THR A 201 6.47 -7.38 -2.12
N PHE A 202 5.94 -7.94 -1.04
CA PHE A 202 6.47 -9.17 -0.45
C PHE A 202 5.62 -10.36 -0.85
N THR A 203 6.20 -11.57 -0.77
CA THR A 203 5.45 -12.83 -0.83
C THR A 203 6.12 -13.76 0.15
N PRO A 204 5.38 -14.38 1.09
CA PRO A 204 6.08 -15.25 2.05
C PRO A 204 6.80 -16.45 1.44
N GLY A 205 7.70 -17.06 2.22
CA GLY A 205 8.52 -18.22 1.83
C GLY A 205 9.58 -18.53 2.82
N LYS A 206 10.31 -19.61 2.67
CA LYS A 206 11.36 -19.95 3.64
C LYS A 206 12.66 -19.25 3.25
N VAL A 207 13.39 -18.74 4.23
CA VAL A 207 14.74 -18.24 3.98
C VAL A 207 15.73 -19.21 4.64
N PHE A 208 16.81 -19.53 3.94
CA PHE A 208 17.92 -20.32 4.48
C PHE A 208 19.20 -19.53 4.45
N LEU A 209 20.07 -19.83 5.36
CA LEU A 209 21.27 -19.06 5.60
C LEU A 209 22.30 -20.09 5.97
N LYS A 210 23.41 -20.13 5.26
CA LYS A 210 24.52 -21.04 5.64
C LYS A 210 25.82 -20.24 5.91
N ILE A 211 26.25 -20.33 7.17
CA ILE A 211 27.45 -19.72 7.66
C ILE A 211 28.62 -20.72 7.55
N HIS A 212 29.67 -20.35 6.85
CA HIS A 212 30.81 -21.17 6.53
C HIS A 212 31.99 -20.88 7.47
N GLU A 213 33.04 -21.69 7.38
CA GLU A 213 34.25 -21.52 8.22
C GLU A 213 35.03 -20.26 7.87
N PRO A 214 35.38 -19.47 8.91
CA PRO A 214 36.12 -18.23 8.68
C PRO A 214 37.42 -18.43 7.88
N VAL A 215 37.71 -17.48 7.01
CA VAL A 215 38.90 -17.52 6.14
C VAL A 215 39.90 -16.45 6.58
N ASP A 216 41.18 -16.80 6.60
CA ASP A 216 42.23 -15.91 7.01
C ASP A 216 42.89 -15.36 5.76
N PRO A 217 42.85 -14.07 5.53
CA PRO A 217 43.48 -13.50 4.38
C PRO A 217 45.03 -13.75 4.29
N LYS A 218 45.65 -13.81 5.50
CA LYS A 218 47.03 -14.17 5.69
C LYS A 218 47.49 -15.36 4.79
N GLY A 219 46.65 -16.39 4.57
CA GLY A 219 46.99 -17.51 3.73
C GLY A 219 46.75 -17.37 2.23
N PHE A 220 47.03 -16.19 1.66
CA PHE A 220 46.68 -15.92 0.25
C PHE A 220 47.63 -14.97 -0.40
N SER A 221 48.32 -15.41 -1.45
CA SER A 221 49.23 -14.51 -2.16
C SER A 221 48.68 -13.21 -2.65
N SER A 222 47.36 -13.06 -2.83
CA SER A 222 46.74 -11.77 -3.24
C SER A 222 45.28 -11.64 -2.94
N GLU A 223 44.77 -10.43 -3.08
CA GLU A 223 43.32 -10.12 -3.00
C GLU A 223 42.56 -10.96 -3.97
N GLU A 224 43.09 -11.09 -5.19
CA GLU A 224 42.43 -11.83 -6.24
C GLU A 224 42.30 -13.31 -5.97
N GLU A 225 43.17 -13.89 -5.16
CA GLU A 225 43.17 -15.34 -4.89
C GLU A 225 42.20 -15.67 -3.76
N LEU A 226 42.14 -14.78 -2.79
CA LEU A 226 41.20 -14.85 -1.65
C LEU A 226 39.78 -14.73 -2.12
N ARG A 227 39.57 -13.78 -3.02
CA ARG A 227 38.26 -13.49 -3.58
C ARG A 227 37.67 -14.69 -4.26
N LYS A 228 38.51 -15.35 -5.05
CA LYS A 228 38.10 -16.53 -5.75
C LYS A 228 37.74 -17.68 -4.80
N TYR A 229 38.34 -17.73 -3.62
CA TYR A 229 38.17 -18.86 -2.70
C TYR A 229 36.83 -18.71 -2.05
N VAL A 230 36.63 -17.47 -1.59
CA VAL A 230 35.41 -17.09 -0.88
C VAL A 230 34.20 -17.20 -1.82
N GLU A 231 34.34 -16.66 -3.03
CA GLU A 231 33.38 -16.83 -4.12
C GLU A 231 32.94 -18.25 -4.38
N GLU A 232 33.85 -19.23 -4.46
CA GLU A 232 33.42 -20.64 -4.66
C GLU A 232 32.70 -21.10 -3.46
N VAL A 233 33.23 -20.77 -2.28
CA VAL A 233 32.56 -21.17 -1.00
C VAL A 233 31.10 -20.69 -0.91
N VAL A 234 30.90 -19.41 -1.18
CA VAL A 234 29.60 -18.82 -1.08
C VAL A 234 28.70 -19.44 -2.13
N LYS A 235 29.20 -19.48 -3.37
CA LYS A 235 28.43 -20.02 -4.48
C LYS A 235 27.94 -21.43 -4.26
N ARG A 236 28.82 -22.29 -3.76
CA ARG A 236 28.48 -23.68 -3.51
C ARG A 236 27.37 -23.77 -2.47
N GLY A 237 27.39 -22.85 -1.51
CA GLY A 237 26.34 -22.80 -0.51
C GLY A 237 24.99 -22.56 -1.14
N VAL A 238 24.95 -21.57 -2.00
CA VAL A 238 23.72 -21.18 -2.67
C VAL A 238 23.15 -22.37 -3.42
N GLU A 239 24.01 -23.10 -4.10
CA GLU A 239 23.62 -24.25 -4.84
C GLU A 239 23.02 -25.33 -3.92
N GLU A 240 23.70 -25.65 -2.83
CA GLU A 240 23.19 -26.64 -1.88
C GLU A 240 21.87 -26.22 -1.27
N LEU A 241 21.78 -24.95 -0.94
CA LEU A 241 20.56 -24.36 -0.40
C LEU A 241 19.39 -24.34 -1.43
N LYS A 242 19.65 -24.00 -2.67
CA LYS A 242 18.69 -23.94 -3.76
C LYS A 242 18.04 -25.32 -3.95
N ALA A 243 18.76 -26.39 -3.64
CA ALA A 243 18.39 -27.74 -4.07
C ALA A 243 17.80 -28.55 -2.94
N ARG A 244 18.16 -28.25 -1.69
CA ARG A 244 17.64 -28.97 -0.55
C ARG A 244 16.15 -28.88 -0.50
N TRP A 245 15.50 -30.03 -0.58
CA TRP A 245 14.12 -30.18 -0.14
C TRP A 245 14.05 -30.23 1.39
N SER A 246 13.00 -29.61 1.90
CA SER A 246 12.62 -29.65 3.28
C SER A 246 11.11 -29.41 3.44
N LYS A 247 10.55 -29.96 4.54
CA LYS A 247 9.24 -29.62 5.19
C LYS A 247 8.46 -30.82 5.58
N MET B 1 8.71 8.66 -10.34
CA MET B 1 9.71 9.65 -9.83
C MET B 1 9.11 10.30 -8.57
N ARG B 2 9.11 11.63 -8.43
CA ARG B 2 8.28 12.26 -7.42
C ARG B 2 6.83 11.83 -7.65
N LYS B 3 6.41 11.68 -8.91
CA LYS B 3 4.96 11.57 -9.30
C LYS B 3 4.12 10.38 -8.77
N ILE B 4 4.77 9.31 -8.31
CA ILE B 4 4.19 8.22 -7.42
C ILE B 4 3.97 8.53 -5.90
N ARG B 5 4.02 9.81 -5.57
CA ARG B 5 3.21 10.38 -4.50
C ARG B 5 1.80 9.86 -4.55
N ASN B 6 1.21 9.76 -5.74
CA ASN B 6 -0.10 9.13 -5.97
C ASN B 6 -0.38 7.88 -5.15
N LEU B 7 0.62 7.03 -5.01
CA LEU B 7 0.49 5.84 -4.17
C LEU B 7 0.26 6.20 -2.66
N LEU B 8 1.19 6.97 -2.08
CA LEU B 8 0.95 7.54 -0.74
C LEU B 8 -0.40 8.22 -0.62
N LEU B 9 -0.80 9.01 -1.62
CA LEU B 9 -2.12 9.60 -1.57
C LEU B 9 -3.18 8.51 -1.50
N THR B 10 -3.06 7.54 -2.38
CA THR B 10 -3.97 6.41 -2.35
C THR B 10 -4.04 5.74 -0.97
N LEU B 11 -2.90 5.58 -0.29
CA LEU B 11 -2.91 4.94 1.02
C LEU B 11 -3.60 5.78 2.05
N TYR B 12 -3.21 7.03 2.09
CA TYR B 12 -3.91 8.06 2.89
C TYR B 12 -5.42 8.06 2.61
N PHE B 13 -5.84 7.96 1.36
CA PHE B 13 -7.28 7.86 1.14
C PHE B 13 -7.92 6.63 1.76
N TYR B 14 -7.39 5.45 1.51
CA TYR B 14 -8.04 4.21 1.99
C TYR B 14 -8.02 4.16 3.51
N PHE B 15 -6.93 4.64 4.11
CA PHE B 15 -6.81 4.64 5.54
C PHE B 15 -7.89 5.50 6.14
N ILE B 16 -7.87 6.78 5.80
CA ILE B 16 -8.86 7.75 6.28
C ILE B 16 -10.29 7.29 5.95
N ALA B 17 -10.53 6.95 4.71
CA ALA B 17 -11.84 6.47 4.30
C ALA B 17 -12.35 5.28 5.10
N THR B 18 -11.46 4.37 5.47
CA THR B 18 -11.88 3.15 6.17
C THR B 18 -12.12 3.44 7.63
N VAL B 19 -11.17 4.11 8.26
CA VAL B 19 -11.40 4.53 9.62
C VAL B 19 -12.64 5.41 9.73
N TYR B 20 -12.87 6.26 8.74
CA TYR B 20 -13.98 7.18 8.81
C TYR B 20 -15.31 6.40 8.70
N ILE B 21 -15.43 5.56 7.64
CA ILE B 21 -16.68 4.84 7.41
C ILE B 21 -16.98 3.88 8.56
N VAL B 22 -15.97 3.18 9.09
CA VAL B 22 -16.25 2.10 10.04
C VAL B 22 -16.39 2.67 11.45
N PHE B 23 -15.36 3.34 11.94
CA PHE B 23 -15.38 3.76 13.36
C PHE B 23 -16.18 5.03 13.61
N TYR B 24 -15.93 6.09 12.85
CA TYR B 24 -16.77 7.27 12.98
C TYR B 24 -18.21 6.94 12.53
N GLY B 25 -18.36 6.19 11.46
CA GLY B 25 -19.71 5.85 10.99
C GLY B 25 -20.47 4.93 11.93
N GLY B 26 -19.74 4.10 12.66
CA GLY B 26 -20.35 3.27 13.67
C GLY B 26 -20.87 4.18 14.75
N PHE B 27 -20.01 5.08 15.17
CA PHE B 27 -20.34 6.04 16.18
C PHE B 27 -21.57 6.83 15.78
N VAL B 28 -21.72 7.15 14.51
CA VAL B 28 -22.83 8.02 14.07
C VAL B 28 -24.14 7.30 14.25
N LEU B 29 -24.22 6.07 13.75
CA LEU B 29 -25.45 5.28 13.89
C LEU B 29 -25.68 5.01 15.37
N PHE B 30 -24.61 4.70 16.11
CA PHE B 30 -24.77 4.47 17.53
C PHE B 30 -25.36 5.69 18.21
N ARG B 31 -24.88 6.90 17.95
CA ARG B 31 -25.59 8.07 18.50
C ARG B 31 -27.03 8.18 18.01
N SER B 32 -27.27 7.94 16.73
CA SER B 32 -28.62 8.09 16.16
C SER B 32 -29.59 7.13 16.83
N PHE B 33 -29.08 5.97 17.23
CA PHE B 33 -29.88 4.94 17.90
C PHE B 33 -30.41 5.47 19.23
N LEU B 34 -29.51 6.03 20.04
CA LEU B 34 -29.88 6.68 21.31
C LEU B 34 -30.83 7.90 21.22
N MET B 35 -31.07 8.46 20.05
CA MET B 35 -31.95 9.62 19.94
C MET B 35 -33.44 9.28 20.11
N ARG B 36 -34.08 9.95 21.06
CA ARG B 36 -35.53 9.84 21.24
C ARG B 36 -36.26 10.22 19.92
N ASP B 37 -35.97 11.43 19.43
CA ASP B 37 -36.69 12.00 18.30
C ASP B 37 -36.20 11.41 16.99
N ARG B 38 -36.96 10.47 16.45
CA ARG B 38 -36.53 9.70 15.26
C ARG B 38 -36.42 10.53 13.97
N GLU B 39 -37.16 11.62 13.85
CA GLU B 39 -37.12 12.44 12.63
C GLU B 39 -35.80 13.13 12.56
N LYS B 40 -35.36 13.76 13.64
CA LYS B 40 -34.07 14.41 13.60
C LYS B 40 -32.90 13.43 13.67
N ALA B 41 -33.12 12.23 14.22
CA ALA B 41 -32.09 11.20 14.11
C ALA B 41 -31.81 10.94 12.64
N ARG B 42 -32.86 10.89 11.85
CA ARG B 42 -32.69 10.67 10.44
C ARG B 42 -31.91 11.79 9.80
N LYS B 43 -32.22 13.03 10.19
CA LYS B 43 -31.58 14.20 9.62
C LYS B 43 -30.09 14.15 9.92
N TYR B 44 -29.75 13.79 11.17
CA TYR B 44 -28.37 13.70 11.62
C TYR B 44 -27.60 12.71 10.78
N VAL B 45 -28.10 11.49 10.64
CA VAL B 45 -27.37 10.45 9.90
C VAL B 45 -27.23 10.87 8.46
N LEU B 46 -28.31 11.37 7.89
CA LEU B 46 -28.32 11.80 6.48
C LEU B 46 -27.30 12.91 6.23
N LYS B 47 -27.16 13.82 7.19
CA LYS B 47 -26.27 14.96 7.03
C LYS B 47 -24.85 14.42 7.05
N GLU B 48 -24.57 13.48 7.95
CA GLU B 48 -23.23 12.90 8.07
C GLU B 48 -22.73 12.15 6.83
N ILE B 49 -23.67 11.52 6.14
CA ILE B 49 -23.46 10.84 4.87
C ILE B 49 -23.08 11.83 3.79
N GLU B 50 -23.90 12.88 3.68
CA GLU B 50 -23.63 13.94 2.76
C GLU B 50 -22.21 14.53 3.04
N LYS B 51 -21.89 14.73 4.33
CA LYS B 51 -20.59 15.27 4.67
C LYS B 51 -19.50 14.36 4.18
N PHE B 52 -19.71 13.06 4.29
CA PHE B 52 -18.74 12.09 3.80
C PHE B 52 -18.53 12.23 2.30
N GLY B 53 -19.64 12.28 1.57
CA GLY B 53 -19.57 12.44 0.11
C GLY B 53 -18.57 13.54 -0.26
N LYS B 54 -18.78 14.70 0.35
CA LYS B 54 -18.01 15.86 0.06
C LYS B 54 -16.59 15.70 0.53
N ARG B 55 -16.42 15.38 1.81
CA ARG B 55 -15.11 15.24 2.42
C ARG B 55 -14.24 14.26 1.65
N ALA B 56 -14.82 13.20 1.12
CA ALA B 56 -14.09 12.24 0.30
C ALA B 56 -13.19 12.89 -0.73
N PHE B 57 -13.77 13.84 -1.45
CA PHE B 57 -13.00 14.45 -2.49
C PHE B 57 -11.91 15.34 -1.89
N THR B 58 -12.11 15.88 -0.69
CA THR B 58 -11.04 16.69 -0.08
C THR B 58 -9.88 15.81 0.35
N TRP B 59 -10.16 14.62 0.87
CA TRP B 59 -9.06 13.71 1.11
C TRP B 59 -8.20 13.39 -0.13
N LEU B 60 -8.79 13.51 -1.32
CA LEU B 60 -8.07 13.37 -2.58
C LEU B 60 -7.53 14.68 -3.18
N PHE B 61 -7.64 15.79 -2.46
CA PHE B 61 -7.22 17.07 -3.00
C PHE B 61 -7.79 17.30 -4.41
N SER B 62 -9.08 17.05 -4.59
CA SER B 62 -9.76 17.10 -5.88
C SER B 62 -10.99 18.02 -5.76
N ASP B 63 -11.12 19.03 -6.63
CA ASP B 63 -12.19 20.04 -6.48
C ASP B 63 -13.45 19.65 -7.22
N VAL B 64 -14.57 19.61 -6.52
CA VAL B 64 -15.84 19.30 -7.15
C VAL B 64 -16.45 20.65 -7.60
N VAL B 65 -17.21 20.67 -8.70
CA VAL B 65 -18.03 21.85 -9.01
C VAL B 65 -19.35 21.41 -9.56
N VAL B 66 -20.44 21.95 -9.01
CA VAL B 66 -21.80 21.63 -9.44
C VAL B 66 -22.48 22.78 -10.19
N GLU B 67 -22.95 22.45 -11.40
CA GLU B 67 -23.95 23.21 -12.11
C GLU B 67 -25.33 22.56 -11.88
N GLY B 68 -26.33 23.39 -11.66
CA GLY B 68 -27.71 22.96 -11.73
C GLY B 68 -28.26 22.44 -10.42
N SER B 69 -27.64 22.85 -9.31
CA SER B 69 -28.12 22.47 -8.01
C SER B 69 -29.58 22.90 -7.82
N GLU B 70 -29.91 24.07 -8.37
CA GLU B 70 -31.30 24.58 -8.38
C GLU B 70 -32.37 23.58 -8.94
N ASN B 71 -31.98 22.64 -9.80
CA ASN B 71 -32.91 21.63 -10.34
C ASN B 71 -33.22 20.46 -9.41
N ILE B 72 -32.46 20.30 -8.33
CA ILE B 72 -32.73 19.25 -7.39
C ILE B 72 -34.08 19.53 -6.67
N PRO B 73 -35.07 18.62 -6.77
CA PRO B 73 -36.27 18.77 -5.95
C PRO B 73 -35.99 18.91 -4.48
N LYS B 74 -36.92 19.57 -3.81
CA LYS B 74 -36.84 19.85 -2.39
C LYS B 74 -37.99 19.21 -1.54
N ASP B 75 -39.01 18.68 -2.22
CA ASP B 75 -40.31 18.39 -1.58
C ASP B 75 -40.94 16.99 -1.85
N ARG B 76 -40.33 16.21 -2.75
CA ARG B 76 -40.83 14.89 -3.17
C ARG B 76 -39.60 14.02 -3.51
N ASN B 77 -39.69 12.71 -3.41
CA ASN B 77 -38.56 11.90 -3.85
C ASN B 77 -38.36 11.90 -5.38
N PHE B 78 -37.28 11.30 -5.85
CA PHE B 78 -36.93 11.36 -7.28
C PHE B 78 -35.94 10.24 -7.61
N ILE B 79 -35.62 10.06 -8.88
CA ILE B 79 -34.68 9.01 -9.30
C ILE B 79 -33.55 9.67 -10.02
N VAL B 80 -32.36 9.67 -9.41
CA VAL B 80 -31.17 10.28 -10.01
C VAL B 80 -30.72 9.30 -11.08
N VAL B 81 -30.54 9.81 -12.27
CA VAL B 81 -30.02 8.97 -13.32
C VAL B 81 -28.75 9.62 -13.83
N ALA B 82 -27.64 8.91 -13.68
CA ALA B 82 -26.35 9.46 -14.04
C ALA B 82 -25.56 8.50 -14.88
N ASN B 83 -24.63 9.05 -15.71
CA ASN B 83 -23.54 8.24 -16.29
C ASN B 83 -22.59 7.76 -15.19
N HIS B 84 -21.86 6.68 -15.49
CA HIS B 84 -21.06 5.98 -14.48
C HIS B 84 -19.65 5.75 -14.99
N GLN B 85 -18.67 6.25 -14.27
CA GLN B 85 -17.30 6.16 -14.75
C GLN B 85 -16.26 6.06 -13.65
N SER B 86 -16.67 5.70 -12.43
CA SER B 86 -15.73 5.55 -11.29
C SER B 86 -16.42 5.04 -10.04
N LEU B 87 -15.68 4.38 -9.14
CA LEU B 87 -16.16 4.23 -7.75
C LEU B 87 -16.64 5.53 -7.13
N MET B 88 -15.90 6.61 -7.40
CA MET B 88 -16.16 7.88 -6.79
C MET B 88 -17.53 8.50 -7.15
N ASP B 89 -18.20 7.96 -8.16
CA ASP B 89 -19.51 8.49 -8.51
C ASP B 89 -20.49 8.47 -7.32
N ILE B 90 -20.45 7.43 -6.52
CA ILE B 90 -21.29 7.28 -5.35
C ILE B 90 -21.07 8.43 -4.34
N PRO B 91 -19.80 8.57 -3.87
CA PRO B 91 -19.60 9.70 -2.95
C PRO B 91 -19.99 11.06 -3.57
N LEU B 92 -19.67 11.23 -4.85
CA LEU B 92 -20.06 12.41 -5.59
C LEU B 92 -21.58 12.64 -5.54
N ILE B 93 -22.40 11.71 -6.00
CA ILE B 93 -23.87 11.90 -5.98
C ILE B 93 -24.36 12.15 -4.52
N LEU B 94 -23.80 11.41 -3.57
CA LEU B 94 -24.25 11.47 -2.17
C LEU B 94 -24.00 12.84 -1.60
N GLY B 95 -22.81 13.35 -1.87
CA GLY B 95 -22.36 14.59 -1.25
C GLY B 95 -22.86 15.85 -1.94
N PHE B 96 -23.27 15.74 -3.18
CA PHE B 96 -23.61 16.91 -3.96
C PHE B 96 -24.89 16.81 -4.75
N VAL B 97 -25.71 15.78 -4.58
CA VAL B 97 -27.00 15.68 -5.25
C VAL B 97 -28.09 15.19 -4.31
N ALA B 98 -27.87 14.01 -3.72
CA ALA B 98 -28.87 13.39 -2.84
C ALA B 98 -28.37 12.16 -2.12
N THR B 99 -28.94 11.93 -0.95
CA THR B 99 -28.67 10.72 -0.24
C THR B 99 -29.85 9.85 -0.43
N GLY B 100 -29.81 9.01 -1.45
CA GLY B 100 -30.81 7.98 -1.59
C GLY B 100 -30.29 6.56 -1.71
N ALA B 101 -31.27 5.67 -1.85
CA ALA B 101 -31.07 4.27 -2.16
C ALA B 101 -30.26 3.98 -3.42
N PHE B 102 -29.57 2.86 -3.39
CA PHE B 102 -28.75 2.33 -4.45
C PHE B 102 -29.13 0.84 -4.77
N ILE B 103 -28.43 0.34 -5.79
CA ILE B 103 -28.46 -1.04 -6.25
C ILE B 103 -27.31 -1.87 -5.68
N ALA B 104 -27.60 -2.90 -4.90
CA ALA B 104 -26.53 -3.80 -4.41
C ALA B 104 -26.25 -5.12 -5.23
N GLU B 107 -24.20 -9.00 -1.15
CA GLU B 107 -23.11 -8.93 -2.11
C GLU B 107 -21.93 -8.06 -1.58
N LEU B 108 -22.30 -6.83 -1.24
CA LEU B 108 -21.47 -5.90 -0.51
C LEU B 108 -21.86 -5.94 0.94
N ARG B 109 -22.93 -6.67 1.25
CA ARG B 109 -23.37 -7.00 2.62
C ARG B 109 -22.24 -7.36 3.56
N LYS B 110 -21.22 -8.06 3.04
CA LYS B 110 -20.09 -8.55 3.84
C LYS B 110 -19.09 -7.45 4.18
N ILE B 111 -18.94 -6.42 3.34
CA ILE B 111 -18.03 -5.30 3.65
C ILE B 111 -18.57 -4.44 4.83
N PRO B 112 -17.86 -4.44 5.97
CA PRO B 112 -18.36 -3.69 7.12
C PRO B 112 -18.32 -2.18 6.89
N GLY B 113 -19.17 -1.47 7.64
CA GLY B 113 -19.35 -0.03 7.46
C GLY B 113 -20.25 0.22 6.31
N VAL B 114 -19.76 -0.09 5.09
CA VAL B 114 -20.53 0.12 3.83
C VAL B 114 -21.92 -0.52 3.89
N ASN B 115 -22.00 -1.77 4.32
CA ASN B 115 -23.30 -2.45 4.39
C ASN B 115 -24.31 -1.70 5.29
N TRP B 116 -23.82 -1.20 6.44
CA TRP B 116 -24.71 -0.46 7.36
C TRP B 116 -25.20 0.76 6.65
N TYR B 117 -24.32 1.45 5.95
CA TYR B 117 -24.77 2.65 5.29
C TYR B 117 -25.65 2.38 4.02
N ILE B 118 -25.35 1.32 3.28
CA ILE B 118 -26.24 0.92 2.16
C ILE B 118 -27.64 0.60 2.63
N ARG B 119 -27.70 -0.14 3.72
CA ARG B 119 -28.97 -0.44 4.39
C ARG B 119 -29.63 0.82 4.88
N TYR B 120 -28.90 1.71 5.55
CA TYR B 120 -29.53 2.94 6.07
C TYR B 120 -30.17 3.75 4.96
N LEU B 121 -29.49 3.83 3.80
CA LEU B 121 -30.03 4.54 2.63
C LEU B 121 -31.16 3.79 1.92
N ASN B 122 -31.65 2.71 2.54
CA ASN B 122 -32.68 1.86 2.00
C ASN B 122 -32.35 1.24 0.66
N GLY B 123 -31.08 0.96 0.39
CA GLY B 123 -30.67 0.25 -0.86
C GLY B 123 -31.32 -1.12 -1.08
N VAL B 124 -30.88 -1.82 -2.13
CA VAL B 124 -31.40 -3.15 -2.45
C VAL B 124 -30.28 -4.21 -2.67
N VAL B 135 -34.56 -10.26 -11.76
CA VAL B 135 -34.12 -10.12 -10.36
C VAL B 135 -35.33 -9.60 -9.51
N ARG B 136 -35.44 -10.09 -8.28
CA ARG B 136 -36.59 -9.83 -7.40
C ARG B 136 -36.61 -8.33 -6.94
N ALA B 137 -35.41 -7.79 -6.79
CA ALA B 137 -35.15 -6.40 -6.40
C ALA B 137 -36.15 -5.41 -6.96
N LEU B 138 -36.28 -5.40 -8.29
CA LEU B 138 -37.10 -4.42 -9.01
C LEU B 138 -38.48 -4.19 -8.38
N ARG B 139 -39.10 -5.25 -7.86
CA ARG B 139 -40.39 -5.11 -7.15
C ARG B 139 -40.30 -4.32 -5.84
N GLU B 140 -39.24 -4.54 -5.06
CA GLU B 140 -39.01 -3.84 -3.76
C GLU B 140 -38.72 -2.36 -3.95
N ALA B 141 -37.88 -2.06 -4.94
CA ALA B 141 -37.60 -0.71 -5.38
C ALA B 141 -38.88 0.06 -5.59
N ILE B 142 -39.77 -0.49 -6.44
CA ILE B 142 -41.10 0.09 -6.70
C ILE B 142 -41.83 0.41 -5.40
N GLU B 143 -41.81 -0.54 -4.46
CA GLU B 143 -42.55 -0.43 -3.20
C GLU B 143 -42.00 0.74 -2.35
N LYS B 144 -40.71 0.68 -2.06
CA LYS B 144 -40.03 1.79 -1.39
C LYS B 144 -40.16 3.14 -2.11
N LEU B 145 -40.10 3.14 -3.44
CA LEU B 145 -40.37 4.38 -4.18
C LEU B 145 -41.73 4.95 -3.87
N LYS B 146 -42.75 4.11 -3.86
CA LYS B 146 -44.14 4.55 -3.54
C LYS B 146 -44.24 5.14 -2.13
N ASN B 147 -43.51 4.57 -1.18
CA ASN B 147 -43.53 5.15 0.16
C ASN B 147 -42.67 6.42 0.29
N GLY B 148 -41.79 6.69 -0.68
CA GLY B 148 -41.09 7.98 -0.72
C GLY B 148 -39.57 7.98 -0.68
N VAL B 149 -38.91 6.85 -0.96
CA VAL B 149 -37.46 6.79 -1.03
C VAL B 149 -36.90 7.34 -2.36
N THR B 150 -35.88 8.18 -2.27
CA THR B 150 -35.14 8.66 -3.44
C THR B 150 -34.19 7.56 -3.88
N PHE B 151 -34.08 7.38 -5.18
CA PHE B 151 -33.12 6.42 -5.74
C PHE B 151 -32.05 7.08 -6.55
N ILE B 152 -30.97 6.34 -6.75
CA ILE B 152 -29.85 6.73 -7.58
C ILE B 152 -29.59 5.50 -8.40
N VAL B 153 -29.62 5.66 -9.72
CA VAL B 153 -29.46 4.54 -10.62
C VAL B 153 -28.42 4.88 -11.69
N PHE B 154 -27.63 3.88 -12.08
CA PHE B 154 -26.66 4.02 -13.16
C PHE B 154 -27.12 3.11 -14.29
N PRO B 155 -28.04 3.59 -15.13
CA PRO B 155 -28.63 2.70 -16.15
C PRO B 155 -27.62 1.98 -17.07
N GLU B 156 -26.39 2.48 -17.22
CA GLU B 156 -25.37 1.80 -18.04
C GLU B 156 -25.02 0.43 -17.43
N GLY B 157 -25.24 0.29 -16.12
CA GLY B 157 -25.03 -0.96 -15.40
C GLY B 157 -23.60 -1.31 -15.03
N THR B 158 -22.65 -0.39 -15.24
CA THR B 158 -21.22 -0.68 -15.08
C THR B 158 -20.48 0.62 -15.42
N ARG B 159 -19.25 0.76 -14.94
CA ARG B 159 -18.43 1.89 -15.32
C ARG B 159 -17.92 1.74 -16.70
N SER B 160 -17.93 2.86 -17.41
CA SER B 160 -17.17 3.03 -18.62
C SER B 160 -15.72 2.67 -18.36
N PRO B 161 -15.10 1.94 -19.27
CA PRO B 161 -13.70 1.66 -19.13
C PRO B 161 -12.76 2.80 -19.59
N ASP B 162 -13.19 3.68 -20.50
CA ASP B 162 -12.31 4.72 -21.10
C ASP B 162 -12.83 6.16 -21.00
N GLY B 163 -13.98 6.37 -20.35
CA GLY B 163 -14.64 7.70 -20.32
C GLY B 163 -15.85 7.88 -21.22
N LYS B 164 -15.97 7.02 -22.24
CA LYS B 164 -17.09 7.02 -23.20
C LYS B 164 -18.35 6.62 -22.48
N VAL B 165 -19.47 7.23 -22.81
CA VAL B 165 -20.73 6.81 -22.21
C VAL B 165 -21.29 5.62 -22.97
N LEU B 166 -21.60 4.54 -22.29
CA LEU B 166 -22.20 3.40 -22.97
C LEU B 166 -23.70 3.60 -23.14
N SER B 167 -24.32 2.72 -23.90
CA SER B 167 -25.77 2.73 -24.06
C SER B 167 -26.45 2.33 -22.77
N PHE B 168 -27.61 2.92 -22.52
CA PHE B 168 -28.39 2.59 -21.32
C PHE B 168 -28.97 1.20 -21.58
N LYS B 169 -28.70 0.24 -20.69
CA LYS B 169 -29.24 -1.12 -20.85
C LYS B 169 -30.79 -1.06 -21.04
N LYS B 170 -31.32 -1.95 -21.89
CA LYS B 170 -32.76 -1.98 -22.21
C LYS B 170 -33.57 -2.23 -20.92
N ASP B 171 -34.73 -1.55 -20.79
CA ASP B 171 -35.60 -1.65 -19.60
C ASP B 171 -34.97 -1.07 -18.33
N SER B 172 -33.90 -0.27 -18.46
CA SER B 172 -33.18 0.26 -17.28
C SER B 172 -34.02 1.27 -16.52
N LEU B 173 -34.71 2.14 -17.23
CA LEU B 173 -35.62 3.12 -16.59
C LEU B 173 -37.02 2.62 -16.22
N MET B 174 -37.27 1.32 -16.37
CA MET B 174 -38.54 0.77 -15.95
C MET B 174 -39.11 1.33 -14.63
N ILE B 175 -38.24 1.54 -13.65
CA ILE B 175 -38.69 1.91 -12.32
C ILE B 175 -39.40 3.28 -12.33
N ALA B 176 -39.06 4.14 -13.29
CA ALA B 176 -39.73 5.43 -13.44
C ALA B 176 -41.15 5.27 -14.03
N VAL B 177 -41.24 4.57 -15.16
CA VAL B 177 -42.54 4.34 -15.81
C VAL B 177 -43.56 3.73 -14.85
N LYS B 178 -43.12 2.73 -14.06
CA LYS B 178 -43.99 2.00 -13.12
C LYS B 178 -44.33 2.68 -11.80
N THR B 179 -43.66 3.79 -11.48
CA THR B 179 -43.95 4.54 -10.26
C THR B 179 -44.42 5.94 -10.54
N GLY B 180 -44.19 6.46 -11.74
CA GLY B 180 -44.42 7.87 -12.03
C GLY B 180 -43.59 8.90 -11.26
N VAL B 181 -42.53 8.49 -10.55
CA VAL B 181 -41.70 9.48 -9.81
C VAL B 181 -40.68 10.13 -10.77
N PRO B 182 -40.37 11.41 -10.52
CA PRO B 182 -39.56 12.16 -11.48
C PRO B 182 -38.09 11.74 -11.51
N VAL B 183 -37.56 11.67 -12.72
CA VAL B 183 -36.15 11.42 -13.01
C VAL B 183 -35.41 12.76 -12.91
N LEU B 184 -34.24 12.75 -12.25
CA LEU B 184 -33.37 13.91 -12.16
C LEU B 184 -32.06 13.53 -12.88
N PRO B 185 -31.93 13.87 -14.17
CA PRO B 185 -30.74 13.45 -14.90
C PRO B 185 -29.50 14.18 -14.47
N VAL B 186 -28.37 13.49 -14.34
CA VAL B 186 -27.12 14.11 -13.92
C VAL B 186 -25.98 13.68 -14.82
N SER B 187 -25.04 14.55 -15.11
CA SER B 187 -23.88 14.18 -15.90
C SER B 187 -22.65 14.38 -15.04
N ILE B 188 -21.78 13.39 -15.03
CA ILE B 188 -20.56 13.37 -14.23
C ILE B 188 -19.38 13.39 -15.19
N TRP B 189 -18.45 14.30 -14.96
CA TRP B 189 -17.21 14.23 -15.70
C TRP B 189 -16.00 14.49 -14.87
N GLY B 190 -14.99 13.61 -14.96
CA GLY B 190 -13.74 13.71 -14.16
C GLY B 190 -13.49 12.67 -13.08
N THR B 191 -14.53 11.96 -12.61
CA THR B 191 -14.29 10.92 -11.65
C THR B 191 -13.50 9.80 -12.31
N TYR B 192 -13.67 9.64 -13.62
CA TYR B 192 -12.87 8.64 -14.36
C TYR B 192 -11.34 8.93 -14.35
N HIS B 193 -10.93 10.19 -14.44
CA HIS B 193 -9.51 10.53 -14.37
C HIS B 193 -9.01 10.40 -12.94
N LEU B 194 -9.92 10.43 -11.97
CA LEU B 194 -9.61 10.31 -10.55
C LEU B 194 -9.26 8.85 -10.20
N ILE B 195 -10.18 7.93 -10.53
CA ILE B 195 -9.94 6.50 -10.41
C ILE B 195 -10.83 5.62 -11.35
N PRO B 196 -10.24 5.15 -12.48
CA PRO B 196 -10.94 4.36 -13.51
C PRO B 196 -11.07 2.91 -13.11
N LYS B 197 -12.02 2.21 -13.71
CA LYS B 197 -12.19 0.74 -13.49
C LYS B 197 -10.86 0.04 -13.66
N GLY B 198 -10.51 -0.81 -12.70
CA GLY B 198 -9.30 -1.59 -12.80
C GLY B 198 -7.98 -0.97 -12.39
N ARG B 199 -7.89 0.36 -12.29
CA ARG B 199 -6.84 0.97 -11.45
C ARG B 199 -7.29 1.05 -9.99
N TRP B 200 -6.33 0.81 -9.08
CA TRP B 200 -6.57 0.83 -7.63
C TRP B 200 -6.02 2.08 -6.96
N THR B 201 -5.18 2.83 -7.69
CA THR B 201 -4.69 4.15 -7.27
C THR B 201 -5.50 5.35 -7.74
N PHE B 202 -5.39 6.43 -6.98
CA PHE B 202 -5.98 7.71 -7.30
C PHE B 202 -4.95 8.62 -7.95
N THR B 203 -5.45 9.60 -8.70
CA THR B 203 -4.68 10.78 -9.10
C THR B 203 -5.61 11.98 -8.92
N PRO B 204 -5.19 13.01 -8.19
CA PRO B 204 -6.05 14.19 -8.07
C PRO B 204 -6.43 14.88 -9.37
N GLY B 205 -7.47 15.73 -9.32
CA GLY B 205 -8.00 16.44 -10.48
C GLY B 205 -9.42 16.94 -10.29
N LYS B 206 -9.95 17.63 -11.27
CA LYS B 206 -11.21 18.34 -11.05
C LYS B 206 -12.37 17.46 -11.43
N VAL B 207 -13.44 17.47 -10.65
CA VAL B 207 -14.65 16.75 -10.98
C VAL B 207 -15.72 17.81 -11.22
N PHE B 208 -16.52 17.59 -12.25
CA PHE B 208 -17.68 18.42 -12.57
C PHE B 208 -18.93 17.57 -12.56
N LEU B 209 -20.01 18.21 -12.19
CA LEU B 209 -21.29 17.61 -12.07
C LEU B 209 -22.24 18.60 -12.72
N LYS B 210 -23.08 18.12 -13.64
CA LYS B 210 -24.17 18.91 -14.18
C LYS B 210 -25.54 18.28 -13.91
N ILE B 211 -26.33 18.96 -13.07
CA ILE B 211 -27.67 18.55 -12.71
C ILE B 211 -28.67 19.22 -13.70
N HIS B 212 -29.50 18.39 -14.33
CA HIS B 212 -30.42 18.75 -15.38
C HIS B 212 -31.84 18.91 -14.85
N GLU B 213 -32.75 19.43 -15.69
CA GLU B 213 -34.17 19.63 -15.34
C GLU B 213 -34.88 18.30 -15.08
N PRO B 214 -35.62 18.22 -13.94
CA PRO B 214 -36.39 17.00 -13.67
C PRO B 214 -37.35 16.61 -14.80
N VAL B 215 -37.43 15.31 -15.09
CA VAL B 215 -38.23 14.78 -16.22
C VAL B 215 -39.40 13.99 -15.64
N ASP B 216 -40.59 14.10 -16.21
CA ASP B 216 -41.71 13.27 -15.77
C ASP B 216 -41.90 12.17 -16.76
N PRO B 217 -41.66 10.90 -16.37
CA PRO B 217 -41.91 9.80 -17.30
C PRO B 217 -43.38 9.69 -17.77
N LYS B 218 -44.31 10.13 -16.94
CA LYS B 218 -45.73 10.31 -17.27
C LYS B 218 -45.96 10.85 -18.72
N GLY B 219 -45.16 11.82 -19.16
CA GLY B 219 -45.28 12.37 -20.51
C GLY B 219 -44.45 11.68 -21.58
N PHE B 220 -44.47 10.35 -21.61
CA PHE B 220 -43.64 9.55 -22.56
C PHE B 220 -44.38 8.26 -22.95
N SER B 221 -44.60 8.08 -24.25
CA SER B 221 -45.31 6.91 -24.72
C SER B 221 -44.62 5.57 -24.47
N SER B 222 -43.40 5.49 -23.94
CA SER B 222 -42.86 4.23 -23.34
C SER B 222 -41.60 4.44 -22.52
N GLU B 223 -41.22 3.40 -21.75
CA GLU B 223 -39.92 3.34 -21.07
C GLU B 223 -38.77 3.53 -22.02
N GLU B 224 -38.88 2.89 -23.18
CA GLU B 224 -37.82 2.91 -24.20
C GLU B 224 -37.59 4.31 -24.78
N GLU B 225 -38.62 5.15 -24.81
CA GLU B 225 -38.54 6.48 -25.42
C GLU B 225 -37.96 7.50 -24.45
N LEU B 226 -38.33 7.35 -23.18
CA LEU B 226 -37.80 8.12 -22.03
C LEU B 226 -36.32 7.89 -21.87
N ARG B 227 -35.93 6.63 -21.92
CA ARG B 227 -34.55 6.19 -21.72
C ARG B 227 -33.63 6.85 -22.74
N LYS B 228 -34.07 6.85 -24.00
CA LYS B 228 -33.31 7.45 -25.06
C LYS B 228 -33.16 8.98 -24.88
N TYR B 229 -34.15 9.62 -24.26
CA TYR B 229 -34.17 11.09 -24.16
C TYR B 229 -33.20 11.50 -23.08
N VAL B 230 -33.28 10.77 -21.97
CA VAL B 230 -32.47 11.02 -20.80
C VAL B 230 -31.00 10.73 -21.11
N GLU B 231 -30.75 9.60 -21.76
CA GLU B 231 -29.43 9.29 -22.32
C GLU B 231 -28.78 10.42 -23.17
N GLU B 232 -29.54 11.06 -24.09
CA GLU B 232 -28.96 12.15 -24.91
C GLU B 232 -28.69 13.32 -23.97
N VAL B 233 -29.63 13.62 -23.07
CA VAL B 233 -29.47 14.72 -22.08
C VAL B 233 -28.18 14.58 -21.24
N VAL B 234 -27.99 13.38 -20.69
CA VAL B 234 -26.85 13.12 -19.85
C VAL B 234 -25.59 13.19 -20.69
N LYS B 235 -25.61 12.54 -21.85
CA LYS B 235 -24.45 12.50 -22.77
C LYS B 235 -23.98 13.88 -23.16
N ARG B 236 -24.92 14.76 -23.50
CA ARG B 236 -24.58 16.12 -23.89
C ARG B 236 -23.93 16.85 -22.75
N GLY B 237 -24.36 16.56 -21.53
CA GLY B 237 -23.71 17.12 -20.37
C GLY B 237 -22.24 16.76 -20.29
N VAL B 238 -21.96 15.48 -20.47
CA VAL B 238 -20.60 14.99 -20.41
C VAL B 238 -19.71 15.74 -21.41
N GLU B 239 -20.25 15.91 -22.61
CA GLU B 239 -19.54 16.62 -23.66
C GLU B 239 -19.26 18.08 -23.26
N GLU B 240 -20.28 18.79 -22.76
CA GLU B 240 -20.11 20.18 -22.31
C GLU B 240 -19.09 20.29 -21.20
N LEU B 241 -19.17 19.34 -20.27
CA LEU B 241 -18.30 19.29 -19.14
C LEU B 241 -16.86 18.96 -19.52
N LYS B 242 -16.61 18.07 -20.50
CA LYS B 242 -15.19 17.93 -20.98
C LYS B 242 -14.39 19.28 -21.15
N ALA B 243 -13.93 19.80 -20.01
CA ALA B 243 -13.35 21.14 -19.91
C ALA B 243 -11.83 21.11 -19.76
N ARG B 244 -11.18 20.16 -20.44
CA ARG B 244 -9.73 20.15 -20.66
C ARG B 244 -8.91 20.40 -19.38
O11 HGX C . 10.07 -0.04 31.71
C11 HGX C . 10.06 0.57 30.66
C12 HGX C . 9.07 1.71 30.49
C13 HGX C . 8.98 2.33 29.08
C14 HGX C . 7.67 3.06 28.80
C15 HGX C . 7.93 4.36 28.02
C16 HGX C . 6.68 5.13 27.56
C17 HGX C . 7.00 6.29 26.59
C18 HGX C . 8.34 6.99 26.87
O3 HGX C . 11.01 0.17 29.62
C3 HGX C . 11.80 -1.03 29.69
C2 HGX C . 11.04 -2.26 29.17
C1 HGX C . 11.78 -3.56 29.56
O3P HGX C . 13.00 -3.70 28.83
O2 HGX C . 10.91 -2.11 27.75
C31 HGX C . 9.75 -2.73 27.10
O31 HGX C . 9.28 -3.75 27.60
C32 HGX C . 9.19 -2.15 25.81
C33 HGX C . 8.39 -0.86 26.04
C34 HGX C . 7.67 -0.39 24.77
C35 HGX C . 7.71 1.14 24.63
C36 HGX C . 7.23 1.73 23.29
C37 HGX C . 6.97 3.24 23.42
C38 HGX C . 7.08 4.09 22.15
C39 HGX C . 7.41 5.56 22.48
C40 HGX C . 7.32 6.56 21.32
O1 HGX C . 13.95 -5.22 30.60
P1 HGX C . 14.15 -4.81 29.17
O4 HGX C . 15.50 -4.27 28.71
O5 HGX C . 13.84 -6.10 28.21
C4 HGX C . 14.46 -7.37 28.38
C5 HGX C . 13.48 -8.49 28.07
O11 HGX D . 6.80 -8.66 17.19
C11 HGX D . 6.63 -7.64 17.87
C12 HGX D . 6.53 -6.28 17.21
C13 HGX D . 5.58 -5.32 17.91
C14 HGX D . 5.49 -3.97 17.17
C15 HGX D . 4.10 -3.34 17.29
C16 HGX D . 3.88 -2.04 16.48
C17 HGX D . 2.38 -1.82 16.20
C18 HGX D . 1.99 -0.40 15.79
O3 HGX D . 6.52 -7.70 19.32
C3 HGX D . 7.34 -8.52 20.17
C2 HGX D . 6.49 -9.42 21.12
C1 HGX D . 6.87 -10.93 21.06
O3P HGX D . 7.46 -11.43 19.83
O2 HGX D . 5.08 -9.20 20.88
C31 HGX D . 4.40 -8.27 21.80
O31 HGX D . 4.06 -8.74 22.87
C32 HGX D . 4.18 -6.77 21.52
C33 HGX D . 2.83 -6.39 20.92
C34 HGX D . 2.58 -4.86 20.90
C35 HGX D . 1.49 -4.44 19.91
C36 HGX D . 0.55 -3.31 20.39
C37 HGX D . -0.47 -2.79 19.34
C38 HGX D . -1.60 -1.92 19.98
C39 HGX D . -2.45 -1.05 19.01
C40 HGX D . -3.64 -0.32 19.65
O1 HGX D . 8.55 -13.52 20.78
P1 HGX D . 8.74 -12.43 19.75
O4 HGX D . 10.00 -11.61 19.83
O5 HGX D . 8.72 -13.07 18.24
C4 HGX D . 8.76 -14.48 17.93
C5 HGX D . 10.20 -15.02 17.92
O11 HGX E . 7.60 -5.14 21.12
C11 HGX E . 8.04 -4.32 21.90
C12 HGX E . 7.63 -2.86 21.73
C13 HGX E . 6.94 -2.47 20.43
C14 HGX E . 6.49 -1.01 20.62
C15 HGX E . 5.60 -0.39 19.53
C16 HGX E . 5.02 0.96 20.01
C17 HGX E . 4.45 1.80 18.86
C18 HGX E . 3.95 3.22 19.19
O3 HGX E . 8.93 -4.71 23.01
C3 HGX E . 9.57 -5.99 23.16
C2 HGX E . 9.25 -6.69 24.50
C1 HGX E . 10.22 -7.88 24.59
O3P HGX E . 10.20 -8.54 25.87
O2 HGX E . 7.86 -7.12 24.56
C31 HGX E . 6.99 -6.74 25.71
O31 HGX E . 7.42 -6.77 26.86
C32 HGX E . 5.52 -6.36 25.53
C33 HGX E . 5.31 -4.83 25.67
C34 HGX E . 4.00 -4.31 25.08
C35 HGX E . 4.16 -3.01 24.27
C36 HGX E . 2.83 -2.24 24.13
C37 HGX E . 2.87 -1.03 23.18
C38 HGX E . 1.53 -0.28 23.12
C39 HGX E . 1.35 0.66 21.91
C40 HGX E . -0.06 1.28 21.80
O1 HGX E . 12.19 -10.08 25.68
P1 HGX E . 10.72 -10.07 26.05
O4 HGX E . 9.73 -10.95 25.30
O5 HGX E . 10.60 -10.45 27.63
C4 HGX E . 11.11 -11.69 28.15
C5 HGX E . 10.32 -12.15 29.38
C1 DD9 F . 14.65 -1.47 17.91
C2 DD9 F . 15.69 -0.89 16.97
C3 DD9 F . 15.52 -1.53 15.61
C4 DD9 F . 16.51 -0.90 14.63
C5 DD9 F . 16.61 -1.77 13.36
C6 DD9 F . 17.74 -1.23 12.51
C7 DD9 F . 17.73 -1.65 11.04
C8 DD9 F . 19.02 -1.09 10.39
C9 DD9 F . 18.88 -0.95 8.87
O11 HGX G . -20.02 13.85 22.61
C11 HGX G . -19.43 13.48 21.62
C12 HGX G . -18.08 12.76 21.76
C13 HGX G . -18.17 11.24 21.55
C14 HGX G . -17.12 10.44 22.34
C15 HGX G . -16.87 9.02 21.82
C16 HGX G . -17.26 7.89 22.78
C17 HGX G . -17.01 6.48 22.19
C18 HGX G . -18.31 5.69 21.97
C19 HGX G . -18.15 4.47 21.02
C20 HGX G . -19.41 3.59 20.89
C21 HGX G . -19.30 2.50 19.81
C22 HGX G . -19.42 3.06 18.39
C23 HGX G . -19.65 2.00 17.34
O3 HGX G . -20.07 13.76 20.33
C3 HGX G . -20.52 15.08 19.94
C2 HGX G . -20.09 15.41 18.49
C1 HGX G . -21.16 14.98 17.46
O3P HGX G . -22.36 15.73 17.59
O2 HGX G . -18.88 14.72 18.22
C31 HGX G . -18.12 15.03 17.02
O31 HGX G . -18.35 16.06 16.39
C32 HGX G . -17.05 14.05 16.57
C33 HGX G . -16.90 12.87 17.55
C34 HGX G . -15.91 11.82 17.04
C35 HGX G . -16.09 10.52 17.81
C36 HGX G . -15.14 9.41 17.35
C37 HGX G . -15.44 8.09 18.08
C38 HGX G . -14.54 6.97 17.61
C39 HGX G . -14.68 5.70 18.45
C40 HGX G . -15.65 4.71 17.81
C42 HGX G . -15.57 3.31 18.45
C43 HGX G . -15.32 2.16 17.46
C44 HGX G . -16.57 1.65 16.73
O1 HGX G . -21.21 17.69 16.47
P1 HGX G . -22.41 17.33 17.31
O4 HGX G . -22.62 18.00 18.66
O5 HGX G . -23.76 17.52 16.45
C4 HGX G . -24.07 16.66 15.35
C5 HGX G . -24.58 17.48 14.16
N1 HGX G . -23.56 18.24 13.37
C6 HGX G . -22.32 17.48 13.12
C7 HGX G . -24.17 18.57 12.06
C8 HGX G . -23.23 19.52 14.03
O11 HGX H . -10.82 13.61 7.73
C11 HGX H . -11.27 13.83 8.83
C12 HGX H . -10.81 12.98 10.02
C13 HGX H . -10.36 11.56 9.66
C14 HGX H . -9.99 10.67 10.85
C15 HGX H . -8.62 10.00 10.71
C16 HGX H . -8.38 8.89 11.74
C17 HGX H . -6.94 8.81 12.29
C18 HGX H . -6.70 7.87 13.50
C19 HGX H . -7.31 6.46 13.33
C20 HGX H . -6.54 5.29 13.97
C21 HGX H . -7.32 3.95 13.89
O3 HGX H . -12.21 14.94 8.94
C3 HGX H . -12.19 16.03 7.99
C2 HGX H . -12.71 17.32 8.65
C1 HGX H . -13.17 18.31 7.59
O3P HGX H . -13.75 19.45 8.23
O2 HGX H . -11.66 17.93 9.42
C31 HGX H . -11.98 18.27 10.82
O31 HGX H . -13.01 18.86 11.11
C32 HGX H . -11.01 17.90 11.91
C33 HGX H . -10.97 16.39 12.12
C34 HGX H . -9.88 16.00 13.11
C35 HGX H . -9.35 14.58 12.95
C36 HGX H . -8.19 14.32 13.93
C37 HGX H . -7.70 12.86 13.97
C38 HGX H . -6.18 12.75 14.14
C39 HGX H . -5.80 11.64 15.13
C40 HGX H . -4.29 11.52 15.34
C42 HGX H . -3.92 10.33 16.23
C43 HGX H . -2.45 9.88 16.08
C44 HGX H . -1.91 9.29 17.39
C45 HGX H . -0.72 8.36 17.15
O1 HGX H . -16.29 19.52 8.18
P1 HGX H . -15.06 20.20 7.64
O4 HGX H . -14.90 20.27 6.14
O5 HGX H . -15.04 21.69 8.27
C4 HGX H . -15.19 21.98 9.67
C5 HGX H . -16.47 22.75 10.03
N1 HGX H . -16.76 24.05 9.36
C6 HGX H . -17.41 23.86 8.04
C7 HGX H . -17.68 24.82 10.20
C8 HGX H . -15.55 24.87 9.16
O11 HGX I . -17.74 15.16 12.69
C11 HGX I . -16.77 15.90 12.63
C12 HGX I . -15.34 15.35 12.58
C13 HGX I . -15.19 13.97 13.23
C14 HGX I . -13.92 13.19 12.83
C15 HGX I . -14.03 11.70 13.18
C16 HGX I . -12.71 10.91 13.19
C17 HGX I . -12.68 9.89 14.34
C18 HGX I . -11.64 8.78 14.23
C19 HGX I . -11.86 7.73 15.32
C20 HGX I . -10.92 6.53 15.25
C21 HGX I . -11.34 5.40 16.20
C22 HGX I . -10.51 4.13 16.04
C23 HGX I . -11.14 2.94 16.76
O3 HGX I . -17.02 17.36 12.57
C3 HGX I . -18.29 18.03 12.78
C2 HGX I . -18.06 19.31 13.59
C1 HGX I . -19.38 20.07 13.85
O3P HGX I . -19.67 21.10 12.87
O2 HGX I . -17.13 20.15 12.91
C31 HGX I . -16.17 20.81 13.80
O31 HGX I . -16.58 21.57 14.67
C32 HGX I . -14.69 20.55 13.70
C33 HGX I . -14.34 19.18 14.26
C34 HGX I . -14.58 19.04 15.76
C35 HGX I . -14.63 17.58 16.22
C36 HGX I . -13.24 17.03 16.52
C37 HGX I . -13.20 15.49 16.54
C38 HGX I . -11.79 14.98 16.87
C39 HGX I . -11.68 13.46 16.82
C40 HGX I . -10.32 12.99 17.36
C42 HGX I . -10.20 11.47 17.34
C43 HGX I . -8.91 10.96 18.01
C44 HGX I . -8.37 9.65 17.42
C45 HGX I . -7.13 9.15 18.16
C46 HGX I . -7.04 7.63 18.17
O1 HGX I . -20.38 23.36 11.92
P1 HGX I . -20.09 22.64 13.22
O4 HGX I . -19.03 23.22 14.11
O5 HGX I . -21.48 22.61 14.06
C4 HGX I . -22.47 23.64 14.00
C5 HGX I . -21.93 25.00 14.45
C1B LMT J . -3.95 -5.62 -11.28
C2B LMT J . -4.84 -5.14 -12.44
C3B LMT J . -6.31 -4.99 -12.03
C4B LMT J . -6.79 -6.33 -11.49
C5B LMT J . -5.87 -6.80 -10.36
C6B LMT J . -6.25 -8.14 -9.72
O1B LMT J . -3.79 -4.70 -10.17
O2B LMT J . -4.31 -3.90 -12.97
O3B LMT J . -7.20 -4.61 -13.10
O4' LMT J . -8.15 -6.15 -11.07
O5B LMT J . -4.51 -6.86 -10.83
O6B LMT J . -6.80 -9.08 -10.67
C1' LMT J . -1.18 -2.17 -8.22
C2' LMT J . -1.94 -1.52 -9.39
C3' LMT J . -3.13 -2.43 -9.70
C4' LMT J . -2.65 -3.81 -10.14
C5' LMT J . -1.51 -4.34 -9.24
C6' LMT J . -0.66 -5.41 -9.93
O1' LMT J . -0.18 -1.32 -7.65
O2' LMT J . -2.36 -0.17 -9.14
O3' LMT J . -3.96 -1.82 -10.71
O5' LMT J . -0.57 -3.32 -8.79
O6' LMT J . -1.23 -6.72 -9.86
C1 LMT J . 0.08 -1.50 -6.25
C2 LMT J . 1.57 -1.28 -6.02
C3 LMT J . 2.44 -2.14 -6.94
C4 LMT J . 3.01 -1.42 -8.17
C5 LMT J . 4.40 -0.87 -7.91
C6 LMT J . 5.15 -0.41 -9.17
C7 LMT J . 6.46 -1.17 -9.35
C8 LMT J . 7.35 -0.61 -10.47
C9 LMT J . 8.81 -0.97 -10.22
C10 LMT J . 9.80 -0.23 -11.11
C11 LMT J . 11.23 -0.31 -10.54
C12 LMT J . 11.58 0.87 -9.66
C1 DD9 K . -19.94 8.43 7.19
C2 DD9 K . -20.97 7.64 6.38
C3 DD9 K . -20.60 7.43 4.91
C4 DD9 K . -21.41 6.27 4.31
C5 DD9 K . -21.04 6.07 2.84
C6 DD9 K . -21.76 4.83 2.28
C7 DD9 K . -21.16 4.39 0.93
C8 DD9 K . -22.21 3.60 0.12
C9 DD9 K . -21.59 2.98 -1.13
#